data_5YGC
#
_entry.id   5YGC
#
_cell.length_a   77.808
_cell.length_b   77.808
_cell.length_c   144.014
_cell.angle_alpha   90.00
_cell.angle_beta   90.00
_cell.angle_gamma   120.00
#
_symmetry.space_group_name_H-M   'P 65 2 2'
#
loop_
_entity.id
_entity.type
_entity.pdbx_description
1 polymer GH18329p
2 water water
#
_entity_poly.entity_id   1
_entity_poly.type   'polypeptide(L)'
_entity_poly.pdbx_seq_one_letter_code
;GSKPMEVYVSAVASPTKFWVQLIGPQSKKLDSMVQEMTSYYSSAENRAKHVLTAPYVGQIVAAVFKFDEKWYRAEIVDIM
PNQYNPKEQVIDLYFVDYGDSEYISPADICELRTDFLTLRFQAVECFLANVKSTIQTEPITWPKSSIAKFEELTEVAHWR
KLIARVVTYKERPRATTAVSAAAKEGTPLPGVELFDPADNSELNIADLMITQGFALPLDDSYP
;
_entity_poly.pdbx_strand_id   A
#
# COMPACT_ATOMS: atom_id res chain seq x y z
N SER A 2 -8.22 23.62 -3.91
CA SER A 2 -7.33 22.47 -3.87
C SER A 2 -7.30 21.81 -5.24
N LYS A 3 -6.10 21.54 -5.73
CA LYS A 3 -5.92 20.91 -7.03
C LYS A 3 -6.39 19.45 -6.98
N PRO A 4 -7.24 19.04 -7.95
CA PRO A 4 -7.65 17.63 -8.00
C PRO A 4 -6.49 16.80 -8.47
N MET A 5 -6.27 15.64 -7.84
CA MET A 5 -5.18 14.75 -8.22
C MET A 5 -5.71 13.35 -8.53
N GLU A 6 -5.40 12.83 -9.70
CA GLU A 6 -5.85 11.48 -10.05
C GLU A 6 -5.00 10.43 -9.32
N VAL A 7 -5.66 9.55 -8.56
CA VAL A 7 -4.97 8.52 -7.80
C VAL A 7 -5.64 7.16 -7.91
N TYR A 8 -4.87 6.11 -7.62
CA TYR A 8 -5.44 4.83 -7.20
C TYR A 8 -5.26 4.61 -5.70
N VAL A 9 -6.28 4.08 -5.04
CA VAL A 9 -6.09 3.51 -3.71
C VAL A 9 -5.54 2.08 -3.90
N SER A 10 -4.29 1.89 -3.50
CA SER A 10 -3.60 0.65 -3.82
C SER A 10 -3.65 -0.36 -2.67
N ALA A 11 -3.85 0.13 -1.45
CA ALA A 11 -3.97 -0.75 -0.29
C ALA A 11 -4.76 -0.06 0.83
N VAL A 12 -5.41 -0.85 1.67
CA VAL A 12 -6.20 -0.32 2.78
C VAL A 12 -5.96 -1.07 4.08
N ALA A 13 -5.69 -0.33 5.17
CA ALA A 13 -5.84 -0.87 6.52
C ALA A 13 -7.19 -0.43 7.07
N SER A 14 -7.48 0.85 6.93
CA SER A 14 -8.72 1.43 7.45
C SER A 14 -8.94 2.76 6.74
N PRO A 15 -10.13 3.37 6.93
CA PRO A 15 -10.36 4.69 6.33
C PRO A 15 -9.35 5.73 6.80
N THR A 16 -8.71 5.51 7.94
CA THR A 16 -7.74 6.47 8.41
C THR A 16 -6.33 5.94 8.27
N LYS A 17 -6.18 4.84 7.55
CA LYS A 17 -4.86 4.39 7.12
C LYS A 17 -4.95 3.60 5.80
N PHE A 18 -4.60 4.25 4.71
CA PHE A 18 -4.59 3.59 3.41
C PHE A 18 -3.54 4.23 2.55
N TRP A 19 -3.32 3.69 1.35
CA TRP A 19 -2.24 4.15 0.51
C TRP A 19 -2.74 4.46 -0.89
N VAL A 20 -2.23 5.55 -1.46
CA VAL A 20 -2.59 5.89 -2.83
C VAL A 20 -1.36 5.90 -3.71
N GLN A 21 -1.59 5.71 -5.01
CA GLN A 21 -0.57 5.90 -6.02
C GLN A 21 -0.99 7.03 -6.92
N LEU A 22 -0.05 7.89 -7.30
CA LEU A 22 -0.34 8.98 -8.23
C LEU A 22 -0.40 8.44 -9.66
N ILE A 23 -1.47 8.79 -10.35
CA ILE A 23 -1.62 8.40 -11.75
C ILE A 23 -0.87 9.39 -12.64
N GLY A 24 -0.12 8.88 -13.60
CA GLY A 24 0.61 9.74 -14.53
C GLY A 24 1.85 9.07 -15.03
N PRO A 25 2.91 9.85 -15.29
CA PRO A 25 4.20 9.26 -15.65
C PRO A 25 4.69 8.26 -14.59
N GLN A 26 4.40 8.53 -13.32
CA GLN A 26 4.85 7.68 -12.22
CA GLN A 26 4.83 7.69 -12.21
C GLN A 26 4.23 6.28 -12.28
N SER A 27 2.93 6.19 -12.55
CA SER A 27 2.28 4.89 -12.57
C SER A 27 2.76 4.04 -13.75
N LYS A 28 3.13 4.67 -14.86
CA LYS A 28 3.66 3.92 -15.99
C LYS A 28 5.09 3.42 -15.68
N LYS A 29 5.87 4.26 -15.02
CA LYS A 29 7.21 3.86 -14.63
C LYS A 29 7.15 2.67 -13.64
N LEU A 30 6.19 2.73 -12.70
CA LEU A 30 6.05 1.65 -11.71
C LEU A 30 5.78 0.34 -12.44
N ASP A 31 4.82 0.39 -13.37
CA ASP A 31 4.48 -0.80 -14.12
C ASP A 31 5.70 -1.38 -14.84
N SER A 32 6.52 -0.51 -15.40
CA SER A 32 7.74 -0.95 -16.10
CA SER A 32 7.72 -0.97 -16.10
C SER A 32 8.74 -1.58 -15.14
N MET A 33 8.87 -0.98 -13.96
CA MET A 33 9.82 -1.50 -12.98
C MET A 33 9.40 -2.87 -12.47
N VAL A 34 8.11 -3.04 -12.17
CA VAL A 34 7.61 -4.34 -11.74
C VAL A 34 7.88 -5.41 -12.80
N GLN A 35 7.69 -5.08 -14.07
CA GLN A 35 8.00 -6.07 -15.11
C GLN A 35 9.50 -6.36 -15.15
N GLU A 36 10.34 -5.34 -15.13
CA GLU A 36 11.76 -5.60 -15.22
C GLU A 36 12.26 -6.41 -14.02
N MET A 37 11.88 -6.01 -12.81
CA MET A 37 12.26 -6.79 -11.63
C MET A 37 11.74 -8.24 -11.71
N THR A 38 10.54 -8.43 -12.24
CA THR A 38 9.97 -9.76 -12.32
C THR A 38 10.71 -10.65 -13.34
N SER A 39 11.12 -10.07 -14.47
CA SER A 39 11.94 -10.79 -15.44
C SER A 39 13.29 -11.12 -14.84
N TYR A 40 13.90 -10.12 -14.23
CA TYR A 40 15.24 -10.26 -13.74
C TYR A 40 15.37 -11.29 -12.63
N TYR A 41 14.47 -11.24 -11.64
CA TYR A 41 14.59 -12.15 -10.50
C TYR A 41 13.92 -13.50 -10.74
N SER A 42 13.22 -13.66 -11.86
CA SER A 42 12.69 -14.97 -12.23
C SER A 42 13.82 -15.94 -12.61
N SER A 43 15.02 -15.41 -12.77
CA SER A 43 16.19 -16.22 -13.11
C SER A 43 16.97 -16.66 -11.87
N ALA A 44 17.11 -17.96 -11.69
CA ALA A 44 17.88 -18.50 -10.58
C ALA A 44 19.31 -17.93 -10.59
N GLU A 45 19.92 -17.84 -11.77
CA GLU A 45 21.28 -17.30 -11.86
C GLU A 45 21.36 -15.85 -11.41
N ASN A 46 20.36 -15.05 -11.78
CA ASN A 46 20.32 -13.67 -11.31
C ASN A 46 20.10 -13.59 -9.81
N ARG A 47 19.20 -14.42 -9.28
CA ARG A 47 18.97 -14.45 -7.83
C ARG A 47 20.25 -14.81 -7.09
N ALA A 48 21.05 -15.68 -7.70
CA ALA A 48 22.31 -16.10 -7.09
C ALA A 48 23.27 -14.93 -6.85
N LYS A 49 23.12 -13.84 -7.62
CA LYS A 49 23.97 -12.66 -7.45
C LYS A 49 23.53 -11.76 -6.31
N HIS A 50 22.37 -12.05 -5.74
CA HIS A 50 21.76 -11.19 -4.74
C HIS A 50 21.19 -12.00 -3.57
N VAL A 51 21.99 -12.91 -3.06
CA VAL A 51 21.56 -13.76 -1.95
C VAL A 51 21.33 -12.88 -0.73
N LEU A 52 20.15 -13.01 -0.13
CA LEU A 52 19.84 -12.31 1.10
C LEU A 52 20.70 -12.86 2.21
N THR A 53 21.66 -12.06 2.65
CA THR A 53 22.52 -12.43 3.79
C THR A 53 22.49 -11.28 4.80
N ALA A 54 22.46 -11.63 6.08
CA ALA A 54 22.46 -10.64 7.15
C ALA A 54 21.31 -9.63 7.04
N PRO A 55 20.07 -10.12 6.88
CA PRO A 55 18.98 -9.13 6.76
C PRO A 55 18.78 -8.30 8.03
N TYR A 56 18.39 -7.04 7.87
CA TYR A 56 18.08 -6.17 9.00
C TYR A 56 16.78 -5.42 8.80
N VAL A 57 16.15 -5.04 9.91
CA VAL A 57 14.97 -4.19 9.90
C VAL A 57 15.28 -2.84 9.26
N GLY A 58 14.56 -2.49 8.19
CA GLY A 58 14.83 -1.27 7.46
C GLY A 58 15.41 -1.52 6.08
N GLN A 59 15.93 -2.72 5.86
CA GLN A 59 16.55 -3.01 4.58
C GLN A 59 15.54 -3.01 3.45
N ILE A 60 15.91 -2.41 2.32
CA ILE A 60 15.06 -2.47 1.13
C ILE A 60 15.51 -3.64 0.31
N VAL A 61 14.56 -4.52 -0.02
CA VAL A 61 14.88 -5.80 -0.67
C VAL A 61 14.01 -6.01 -1.90
N ALA A 62 14.28 -7.08 -2.63
CA ALA A 62 13.37 -7.56 -3.67
C ALA A 62 12.66 -8.80 -3.14
N ALA A 63 11.33 -8.88 -3.33
CA ALA A 63 10.57 -10.06 -2.89
C ALA A 63 9.49 -10.45 -3.86
N VAL A 64 9.37 -11.75 -4.08
CA VAL A 64 8.28 -12.24 -4.91
C VAL A 64 7.04 -12.47 -4.05
N PHE A 65 5.88 -12.09 -4.57
CA PHE A 65 4.61 -12.47 -3.96
C PHE A 65 4.11 -13.67 -4.76
N LYS A 66 4.35 -14.87 -4.23
CA LYS A 66 4.12 -16.12 -4.94
C LYS A 66 2.75 -16.23 -5.59
N PHE A 67 1.74 -15.66 -4.95
CA PHE A 67 0.39 -15.81 -5.46
C PHE A 67 0.13 -15.00 -6.75
N ASP A 68 0.92 -13.97 -7.03
CA ASP A 68 0.79 -13.30 -8.33
C ASP A 68 2.09 -13.40 -9.14
N GLU A 69 3.08 -14.08 -8.56
CA GLU A 69 4.36 -14.40 -9.22
C GLU A 69 5.13 -13.17 -9.69
N LYS A 70 4.88 -12.03 -9.08
CA LYS A 70 5.62 -10.83 -9.42
C LYS A 70 6.59 -10.43 -8.31
N TRP A 71 7.65 -9.75 -8.70
CA TRP A 71 8.69 -9.31 -7.78
C TRP A 71 8.52 -7.83 -7.47
N TYR A 72 8.61 -7.48 -6.18
CA TYR A 72 8.34 -6.14 -5.69
C TYR A 72 9.48 -5.56 -4.84
N ARG A 73 9.55 -4.23 -4.77
CA ARG A 73 10.41 -3.56 -3.79
C ARG A 73 9.72 -3.63 -2.43
N ALA A 74 10.47 -3.98 -1.39
CA ALA A 74 9.86 -4.14 -0.08
C ALA A 74 10.83 -3.77 1.03
N GLU A 75 10.28 -3.28 2.14
CA GLU A 75 11.06 -2.86 3.30
C GLU A 75 10.84 -3.86 4.42
N ILE A 76 11.92 -4.36 5.00
CA ILE A 76 11.82 -5.27 6.14
C ILE A 76 11.40 -4.50 7.38
N VAL A 77 10.23 -4.82 7.92
CA VAL A 77 9.73 -4.09 9.07
C VAL A 77 9.80 -4.95 10.34
N ASP A 78 9.95 -6.26 10.16
CA ASP A 78 10.13 -7.17 11.29
C ASP A 78 10.73 -8.49 10.83
N ILE A 79 11.48 -9.12 11.72
CA ILE A 79 12.08 -10.42 11.42
C ILE A 79 11.63 -11.37 12.55
N MET A 80 10.74 -12.30 12.20
CA MET A 80 9.95 -13.02 13.20
C MET A 80 10.25 -14.50 13.18
N PRO A 81 9.95 -15.20 14.30
CA PRO A 81 10.15 -16.65 14.26
C PRO A 81 9.12 -17.32 13.35
N ASN A 82 9.48 -18.42 12.72
CA ASN A 82 8.51 -19.26 12.02
C ASN A 82 8.06 -20.34 12.96
N GLN A 83 6.79 -20.31 13.34
CA GLN A 83 6.29 -21.17 14.41
C GLN A 83 6.37 -22.63 14.01
N TYR A 84 6.21 -22.91 12.72
CA TYR A 84 6.29 -24.28 12.23
C TYR A 84 7.75 -24.69 12.09
N ASN A 85 8.54 -23.78 11.53
CA ASN A 85 9.89 -24.08 11.04
C ASN A 85 10.99 -23.23 11.68
N PRO A 86 11.76 -23.83 12.61
CA PRO A 86 12.82 -23.10 13.31
C PRO A 86 14.03 -22.81 12.42
N LYS A 87 14.01 -23.30 11.18
CA LYS A 87 15.11 -23.10 10.23
C LYS A 87 15.09 -21.70 9.61
N GLU A 88 13.88 -21.22 9.30
CA GLU A 88 13.71 -19.93 8.63
C GLU A 88 13.02 -18.98 9.57
N GLN A 89 13.23 -17.70 9.34
CA GLN A 89 12.39 -16.71 9.95
C GLN A 89 11.17 -16.53 9.07
N VAL A 90 10.20 -15.75 9.54
CA VAL A 90 9.20 -15.20 8.66
C VAL A 90 9.50 -13.71 8.60
N ILE A 91 9.54 -13.15 7.40
CA ILE A 91 9.86 -11.73 7.25
C ILE A 91 8.61 -10.91 7.03
N ASP A 92 8.45 -9.87 7.83
CA ASP A 92 7.36 -8.92 7.68
C ASP A 92 7.81 -7.83 6.71
N LEU A 93 7.21 -7.78 5.54
CA LEU A 93 7.66 -6.87 4.49
C LEU A 93 6.63 -5.80 4.14
N TYR A 94 7.06 -4.55 4.11
CA TYR A 94 6.17 -3.48 3.67
C TYR A 94 6.43 -3.23 2.18
N PHE A 95 5.41 -3.41 1.36
CA PHE A 95 5.58 -3.28 -0.08
C PHE A 95 5.52 -1.81 -0.51
N VAL A 96 6.69 -1.22 -0.69
CA VAL A 96 6.82 0.24 -0.72
C VAL A 96 6.11 0.90 -1.89
N ASP A 97 5.75 0.14 -2.92
CA ASP A 97 5.09 0.81 -4.04
C ASP A 97 3.58 0.66 -4.02
N TYR A 98 3.06 -0.17 -3.10
CA TYR A 98 1.63 -0.50 -3.08
C TYR A 98 0.98 -0.24 -1.73
N GLY A 99 1.70 -0.54 -0.65
CA GLY A 99 1.29 -0.17 0.69
C GLY A 99 0.84 -1.33 1.59
N ASP A 100 0.58 -2.48 0.98
CA ASP A 100 0.27 -3.68 1.78
C ASP A 100 1.53 -4.13 2.48
N SER A 101 1.37 -4.85 3.59
CA SER A 101 2.47 -5.58 4.21
C SER A 101 2.17 -7.07 4.11
N GLU A 102 3.19 -7.89 3.93
CA GLU A 102 3.00 -9.33 3.87
C GLU A 102 4.04 -10.03 4.72
N TYR A 103 3.66 -11.18 5.24
CA TYR A 103 4.60 -12.11 5.86
C TYR A 103 5.14 -12.98 4.75
N ILE A 104 6.46 -13.02 4.62
CA ILE A 104 7.08 -13.62 3.47
C ILE A 104 8.26 -14.47 3.95
N SER A 105 8.44 -15.63 3.33
CA SER A 105 9.61 -16.46 3.61
C SER A 105 10.87 -15.84 3.00
N PRO A 106 11.99 -15.92 3.73
CA PRO A 106 13.31 -15.48 3.27
C PRO A 106 13.73 -16.19 1.98
N ALA A 107 13.11 -17.33 1.71
CA ALA A 107 13.33 -18.04 0.45
C ALA A 107 12.85 -17.22 -0.74
N ASP A 108 11.90 -16.32 -0.52
CA ASP A 108 11.30 -15.54 -1.61
C ASP A 108 11.85 -14.13 -1.67
N ILE A 109 13.01 -13.92 -1.05
CA ILE A 109 13.60 -12.58 -0.95
C ILE A 109 15.03 -12.53 -1.50
N CYS A 110 15.36 -11.45 -2.21
CA CYS A 110 16.74 -11.19 -2.65
C CYS A 110 17.15 -9.78 -2.30
N GLU A 111 18.46 -9.53 -2.25
CA GLU A 111 18.96 -8.15 -2.23
C GLU A 111 18.50 -7.42 -3.48
N LEU A 112 18.26 -6.13 -3.34
CA LEU A 112 17.76 -5.31 -4.45
C LEU A 112 18.89 -4.73 -5.29
N ARG A 113 18.90 -5.04 -6.58
CA ARG A 113 19.84 -4.43 -7.52
C ARG A 113 19.74 -2.92 -7.45
N THR A 114 20.88 -2.26 -7.26
CA THR A 114 20.91 -0.85 -6.86
C THR A 114 20.07 0.08 -7.74
N ASP A 115 20.10 -0.13 -9.06
CA ASP A 115 19.40 0.78 -9.96
C ASP A 115 17.89 0.72 -9.81
N PHE A 116 17.37 -0.36 -9.21
CA PHE A 116 15.94 -0.46 -8.96
C PHE A 116 15.49 0.49 -7.83
N LEU A 117 16.45 1.15 -7.18
CA LEU A 117 16.14 2.16 -6.17
C LEU A 117 15.78 3.53 -6.76
N THR A 118 16.02 3.70 -8.06
CA THR A 118 15.87 5.01 -8.70
C THR A 118 14.48 5.61 -8.51
N LEU A 119 13.44 4.87 -8.92
CA LEU A 119 12.07 5.36 -8.84
C LEU A 119 11.64 5.64 -7.42
N ARG A 120 11.05 6.81 -7.19
CA ARG A 120 10.45 7.15 -5.91
C ARG A 120 9.49 6.04 -5.47
N PHE A 121 9.51 5.71 -4.18
CA PHE A 121 8.54 4.76 -3.62
C PHE A 121 7.13 5.26 -3.88
N GLN A 122 6.29 4.41 -4.43
CA GLN A 122 5.08 4.90 -5.05
C GLN A 122 3.86 5.00 -4.14
N ALA A 123 3.82 4.22 -3.06
CA ALA A 123 2.63 4.24 -2.20
C ALA A 123 2.70 5.39 -1.18
N VAL A 124 1.67 6.24 -1.17
CA VAL A 124 1.65 7.36 -0.25
C VAL A 124 0.59 7.13 0.83
N GLU A 125 1.04 7.05 2.08
CA GLU A 125 0.10 6.79 3.16
C GLU A 125 -0.77 8.02 3.43
N CYS A 126 -2.09 7.80 3.53
CA CYS A 126 -3.05 8.86 3.80
C CYS A 126 -4.04 8.46 4.87
N PHE A 127 -4.78 9.44 5.37
CA PHE A 127 -6.02 9.17 6.08
C PHE A 127 -7.14 9.93 5.40
N LEU A 128 -8.37 9.42 5.54
CA LEU A 128 -9.54 10.08 5.00
C LEU A 128 -9.89 11.23 5.91
N ALA A 129 -9.80 12.45 5.41
CA ALA A 129 -10.06 13.62 6.27
C ALA A 129 -11.52 13.72 6.70
N ASN A 130 -11.73 14.38 7.85
CA ASN A 130 -13.04 14.76 8.35
C ASN A 130 -14.00 13.59 8.63
N VAL A 131 -13.44 12.44 9.01
CA VAL A 131 -14.26 11.35 9.51
C VAL A 131 -13.64 10.76 10.75
N LYS A 132 -14.46 10.07 11.53
CA LYS A 132 -13.98 9.29 12.65
C LYS A 132 -14.88 8.08 12.81
N SER A 133 -14.41 7.12 13.61
CA SER A 133 -15.14 5.87 13.80
C SER A 133 -16.53 6.10 14.43
N THR A 134 -17.48 5.26 14.04
CA THR A 134 -18.81 5.26 14.63
C THR A 134 -18.80 4.83 16.08
N ILE A 135 -17.72 4.20 16.52
CA ILE A 135 -17.79 3.61 17.84
C ILE A 135 -17.00 4.53 18.80
N GLN A 136 -17.66 5.02 19.86
CA GLN A 136 -17.11 6.12 20.68
C GLN A 136 -16.73 5.68 22.10
N THR A 137 -17.21 4.50 22.50
CA THR A 137 -16.55 3.63 23.48
C THR A 137 -15.11 3.47 22.91
N GLU A 138 -13.99 3.46 23.67
CA GLU A 138 -12.63 3.15 23.12
C GLU A 138 -11.65 2.24 23.94
N PRO A 139 -10.39 1.98 23.45
CA PRO A 139 -9.57 2.30 22.26
C PRO A 139 -10.22 1.82 21.01
N ILE A 140 -10.37 2.76 20.08
CA ILE A 140 -11.18 2.44 18.93
C ILE A 140 -10.63 2.80 17.59
N THR A 141 -11.17 1.98 16.70
CA THR A 141 -10.60 1.38 15.56
C THR A 141 -11.83 1.47 14.69
N TRP A 142 -11.78 0.98 13.47
CA TRP A 142 -13.01 1.05 12.71
C TRP A 142 -13.74 -0.28 12.84
N PRO A 143 -15.08 -0.25 12.84
CA PRO A 143 -15.80 -1.53 12.69
C PRO A 143 -15.41 -2.19 11.38
N LYS A 144 -15.34 -3.51 11.35
CA LYS A 144 -14.98 -4.22 10.12
C LYS A 144 -15.89 -3.82 8.97
N SER A 145 -17.16 -3.55 9.27
CA SER A 145 -18.08 -3.13 8.23
C SER A 145 -17.73 -1.75 7.67
N SER A 146 -17.18 -0.86 8.49
CA SER A 146 -16.71 0.42 7.99
C SER A 146 -15.50 0.25 7.06
N ILE A 147 -14.61 -0.66 7.42
CA ILE A 147 -13.45 -0.94 6.58
C ILE A 147 -13.89 -1.51 5.24
N ALA A 148 -14.83 -2.45 5.28
CA ALA A 148 -15.32 -3.07 4.04
C ALA A 148 -16.05 -2.06 3.15
N LYS A 149 -16.78 -1.13 3.76
CA LYS A 149 -17.47 -0.10 2.98
C LYS A 149 -16.43 0.76 2.25
N PHE A 150 -15.36 1.10 2.98
CA PHE A 150 -14.32 1.95 2.41
C PHE A 150 -13.56 1.22 1.30
N GLU A 151 -13.32 -0.08 1.48
CA GLU A 151 -12.65 -0.86 0.45
C GLU A 151 -13.51 -0.91 -0.82
N GLU A 152 -14.82 -1.00 -0.61
CA GLU A 152 -15.79 -1.07 -1.70
C GLU A 152 -15.87 0.28 -2.44
N LEU A 153 -15.92 1.37 -1.68
CA LEU A 153 -16.03 2.69 -2.27
C LEU A 153 -14.78 3.04 -3.08
N THR A 154 -13.62 2.62 -2.60
CA THR A 154 -12.36 2.93 -3.30
C THR A 154 -12.03 1.87 -4.35
N GLU A 155 -12.75 0.75 -4.32
CA GLU A 155 -12.42 -0.45 -5.11
C GLU A 155 -10.91 -0.74 -5.08
N VAL A 156 -10.38 -0.75 -3.86
CA VAL A 156 -8.96 -0.88 -3.61
C VAL A 156 -8.31 -2.01 -4.43
N ALA A 157 -7.19 -1.68 -5.07
CA ALA A 157 -6.35 -2.62 -5.80
C ALA A 157 -6.98 -3.11 -7.10
N HIS A 158 -8.06 -2.46 -7.53
CA HIS A 158 -8.66 -2.79 -8.84
C HIS A 158 -8.55 -1.66 -9.85
N TRP A 159 -7.56 -0.80 -9.65
CA TRP A 159 -7.27 0.30 -10.58
C TRP A 159 -8.47 1.20 -10.87
N ARG A 160 -9.20 1.57 -9.82
CA ARG A 160 -10.27 2.56 -10.00
C ARG A 160 -9.77 3.97 -9.73
N LYS A 161 -9.74 4.78 -10.79
CA LYS A 161 -9.32 6.17 -10.69
C LYS A 161 -10.20 6.97 -9.72
N LEU A 162 -9.56 7.69 -8.82
CA LEU A 162 -10.28 8.57 -7.91
C LEU A 162 -9.66 9.97 -7.98
N ILE A 163 -10.44 10.97 -7.60
CA ILE A 163 -9.91 12.32 -7.59
C ILE A 163 -9.62 12.71 -6.16
N ALA A 164 -8.37 13.01 -5.87
CA ALA A 164 -7.96 13.33 -4.50
C ALA A 164 -7.58 14.81 -4.32
N ARG A 165 -7.96 15.38 -3.18
CA ARG A 165 -7.48 16.68 -2.76
C ARG A 165 -6.91 16.57 -1.35
N VAL A 166 -5.75 17.17 -1.10
CA VAL A 166 -5.23 17.15 0.27
C VAL A 166 -5.82 18.32 1.05
N VAL A 167 -6.40 18.05 2.23
CA VAL A 167 -7.08 19.13 2.96
C VAL A 167 -6.65 19.34 4.42
N THR A 168 -5.90 18.39 4.98
CA THR A 168 -5.32 18.60 6.30
C THR A 168 -4.25 17.55 6.56
N TYR A 169 -3.71 17.58 7.78
CA TYR A 169 -2.52 16.82 8.15
C TYR A 169 -2.62 16.42 9.61
N LYS A 170 -1.87 15.38 9.97
CA LYS A 170 -1.74 14.97 11.36
C LYS A 170 -0.35 14.42 11.57
N GLU A 171 0.07 14.31 12.83
CA GLU A 171 1.36 13.71 13.15
C GLU A 171 1.31 12.19 12.99
N THR A 187 7.58 13.61 9.62
CA THR A 187 6.87 14.32 8.58
C THR A 187 5.34 14.18 8.74
N PRO A 188 4.56 15.10 8.15
CA PRO A 188 3.11 15.02 8.33
C PRO A 188 2.46 13.94 7.46
N LEU A 189 1.42 13.31 8.00
CA LEU A 189 0.54 12.42 7.25
C LEU A 189 -0.55 13.23 6.58
N PRO A 190 -0.74 13.07 5.26
CA PRO A 190 -1.76 13.86 4.57
C PRO A 190 -3.16 13.31 4.78
N GLY A 191 -4.10 14.20 5.08
CA GLY A 191 -5.50 13.85 5.17
C GLY A 191 -6.17 14.31 3.91
N VAL A 192 -6.84 13.40 3.21
CA VAL A 192 -7.34 13.69 1.88
C VAL A 192 -8.82 13.51 1.75
N GLU A 193 -9.37 14.21 0.77
CA GLU A 193 -10.72 14.01 0.34
C GLU A 193 -10.69 13.21 -0.97
N LEU A 194 -11.60 12.24 -1.09
CA LEU A 194 -11.66 11.37 -2.26
C LEU A 194 -13.01 11.45 -2.95
N PHE A 195 -12.98 11.53 -4.27
CA PHE A 195 -14.19 11.60 -5.06
C PHE A 195 -14.12 10.60 -6.22
N ASP A 196 -15.21 9.87 -6.46
CA ASP A 196 -15.22 8.91 -7.56
C ASP A 196 -15.90 9.54 -8.77
N PRO A 197 -15.11 9.88 -9.80
CA PRO A 197 -15.67 10.58 -10.95
C PRO A 197 -16.52 9.68 -11.85
N ALA A 198 -16.55 8.38 -11.57
CA ALA A 198 -17.26 7.46 -12.46
C ALA A 198 -18.54 6.97 -11.81
N ASP A 199 -18.80 7.40 -10.60
CA ASP A 199 -20.04 7.00 -9.98
C ASP A 199 -21.01 8.12 -10.36
N ASN A 200 -22.26 7.99 -9.93
CA ASN A 200 -23.27 8.94 -10.33
C ASN A 200 -23.67 9.80 -9.18
N SER A 201 -22.70 10.12 -8.32
CA SER A 201 -22.95 10.88 -7.12
C SER A 201 -22.05 12.09 -7.06
N GLU A 202 -22.58 13.19 -6.52
CA GLU A 202 -21.77 14.38 -6.29
C GLU A 202 -21.14 14.37 -4.91
N LEU A 203 -21.48 13.38 -4.09
CA LEU A 203 -20.90 13.24 -2.76
C LEU A 203 -19.50 12.67 -2.85
N ASN A 204 -18.59 13.13 -1.98
CA ASN A 204 -17.30 12.49 -1.89
C ASN A 204 -17.37 11.30 -0.92
N ILE A 205 -16.28 10.55 -0.82
CA ILE A 205 -16.32 9.27 -0.14
C ILE A 205 -16.58 9.43 1.36
N ALA A 206 -15.99 10.46 1.97
CA ALA A 206 -16.27 10.73 3.38
C ALA A 206 -17.76 10.98 3.58
N ASP A 207 -18.37 11.78 2.72
CA ASP A 207 -19.80 12.07 2.85
C ASP A 207 -20.68 10.84 2.63
N LEU A 208 -20.27 9.98 1.71
CA LEU A 208 -21.05 8.76 1.49
C LEU A 208 -21.00 7.90 2.74
N MET A 209 -19.82 7.83 3.37
CA MET A 209 -19.68 7.00 4.55
C MET A 209 -20.46 7.53 5.74
N ILE A 210 -20.50 8.86 5.89
CA ILE A 210 -21.22 9.50 6.99
C ILE A 210 -22.73 9.39 6.81
N THR A 211 -23.21 9.71 5.61
CA THR A 211 -24.65 9.70 5.36
C THR A 211 -25.21 8.27 5.43
N GLN A 212 -24.37 7.27 5.19
CA GLN A 212 -24.84 5.88 5.26
C GLN A 212 -24.50 5.21 6.60
N GLY A 213 -23.96 5.99 7.53
CA GLY A 213 -23.74 5.49 8.89
C GLY A 213 -22.51 4.62 9.12
N PHE A 214 -21.54 4.69 8.20
CA PHE A 214 -20.31 3.92 8.37
C PHE A 214 -19.20 4.79 8.97
N ALA A 215 -19.50 6.06 9.18
CA ALA A 215 -18.56 6.99 9.82
C ALA A 215 -19.32 8.14 10.44
N LEU A 216 -18.64 8.87 11.32
CA LEU A 216 -19.17 10.08 11.93
C LEU A 216 -18.30 11.29 11.56
N PRO A 217 -18.94 12.46 11.40
CA PRO A 217 -18.14 13.68 11.17
C PRO A 217 -17.31 14.07 12.40
N LEU A 218 -16.40 15.02 12.17
CA LEU A 218 -15.40 15.56 13.11
C LEU A 218 -14.22 14.62 13.22
#